data_9BR3
#
_entry.id   9BR3
#
_cell.length_a   64.960
_cell.length_b   71.210
_cell.length_c   104.850
_cell.angle_alpha   90.000
_cell.angle_beta   90.000
_cell.angle_gamma   90.000
#
_symmetry.space_group_name_H-M   'P 21 21 21'
#
loop_
_entity.id
_entity.type
_entity.pdbx_description
1 polymer 'Cellular tumor antigen p53'
2 non-polymer 2-{3-[4-(methanesulfonyl)-2-methoxyanilino]prop-1-yn-1-yl}-N-(1-methylpiperidin-4-yl)-1-(2,2,2-trifluoroethyl)-1H-indol-4-amine
3 non-polymer 'ZINC ION'
4 water water
#
_entity_poly.entity_id   1
_entity_poly.type   'polypeptide(L)'
_entity_poly.pdbx_seq_one_letter_code
;GSSSSVPSQKTYQGSYGFRLGFLHSGTAKSVTCTYSPALNKLFCQLAKTCPVQLWVDSTPPPGTRVRAMAIYKQSQHMTE
VVRRCPHHERCSDSDGLAPPQHLIRVEGNLRAEYLDDRNTFRHSVVVPCEPPEVGSDCTTIHYNYMCYSSCMGGMNRRPI
LTIITLEDSSGNLLGRDSFEVRVCACPGRDRRTEEENLRKKGEPHHELPPGSTKRALPNNT
;
_entity_poly.pdbx_strand_id   A,B
#
# COMPACT_ATOMS: atom_id res chain seq x y z
N SER A 4 3.89 -6.48 4.66
CA SER A 4 2.60 -7.16 4.55
C SER A 4 1.87 -6.73 3.27
N SER A 5 0.86 -7.51 2.89
CA SER A 5 0.09 -7.20 1.70
CA SER A 5 0.09 -7.20 1.70
C SER A 5 -0.66 -5.87 1.88
N VAL A 6 -1.05 -5.29 0.74
CA VAL A 6 -1.68 -3.97 0.69
C VAL A 6 -3.17 -4.17 0.48
N PRO A 7 -4.03 -3.86 1.46
CA PRO A 7 -5.46 -3.85 1.19
C PRO A 7 -5.81 -2.66 0.31
N SER A 8 -6.73 -2.87 -0.62
CA SER A 8 -7.12 -1.77 -1.50
C SER A 8 -7.82 -0.66 -0.71
N GLN A 9 -7.58 0.58 -1.12
CA GLN A 9 -8.29 1.72 -0.55
C GLN A 9 -9.19 2.39 -1.58
N LYS A 10 -9.45 1.73 -2.71
CA LYS A 10 -10.15 2.36 -3.81
C LYS A 10 -11.64 2.41 -3.51
N THR A 11 -12.22 3.61 -3.60
CA THR A 11 -13.65 3.76 -3.37
C THR A 11 -14.44 2.91 -4.35
N TYR A 12 -15.42 2.17 -3.84
CA TYR A 12 -16.21 1.25 -4.65
C TYR A 12 -17.62 1.21 -4.10
N GLN A 13 -18.57 1.84 -4.81
CA GLN A 13 -19.94 1.83 -4.29
C GLN A 13 -20.60 0.46 -4.44
N GLY A 14 -20.26 -0.29 -5.48
CA GLY A 14 -20.83 -1.62 -5.64
C GLY A 14 -22.29 -1.58 -6.04
N SER A 15 -22.90 -2.77 -6.07
CA SER A 15 -24.28 -2.92 -6.54
CA SER A 15 -24.26 -2.87 -6.57
C SER A 15 -25.30 -2.24 -5.63
N TYR A 16 -24.98 -2.07 -4.36
CA TYR A 16 -25.93 -1.51 -3.40
C TYR A 16 -25.75 -0.02 -3.20
N GLY A 17 -24.78 0.62 -3.87
CA GLY A 17 -24.58 2.05 -3.74
C GLY A 17 -24.09 2.43 -2.35
N PHE A 18 -23.09 1.70 -1.85
CA PHE A 18 -22.56 1.89 -0.51
C PHE A 18 -21.67 3.13 -0.43
N ARG A 19 -21.89 3.96 0.59
CA ARG A 19 -20.96 5.04 0.92
C ARG A 19 -21.18 5.48 2.36
N LEU A 20 -20.24 6.25 2.88
CA LEU A 20 -20.26 6.72 4.26
C LEU A 20 -20.93 8.08 4.36
N GLY A 21 -21.33 8.42 5.58
CA GLY A 21 -21.76 9.75 5.91
C GLY A 21 -21.25 10.13 7.29
N PHE A 22 -21.18 11.44 7.55
CA PHE A 22 -20.73 11.93 8.83
C PHE A 22 -21.67 13.01 9.34
N LEU A 23 -21.79 13.09 10.67
CA LEU A 23 -22.56 14.17 11.27
C LEU A 23 -21.87 15.51 11.03
N HIS A 24 -22.61 16.59 11.19
CA HIS A 24 -22.04 17.93 11.06
C HIS A 24 -21.93 18.48 12.48
N SER A 25 -20.79 18.25 13.10
CA SER A 25 -20.61 18.51 14.52
C SER A 25 -19.96 19.86 14.82
N GLY A 26 -19.51 20.59 13.80
CA GLY A 26 -18.90 21.89 14.04
C GLY A 26 -17.47 21.75 14.55
N THR A 27 -16.89 22.90 14.88
CA THR A 27 -15.48 22.95 15.29
C THR A 27 -15.28 23.66 16.63
N ALA A 28 -16.30 23.69 17.48
CA ALA A 28 -16.12 24.25 18.82
C ALA A 28 -15.01 23.54 19.57
N LYS A 29 -14.40 24.26 20.51
CA LYS A 29 -13.26 23.74 21.26
C LYS A 29 -13.61 22.45 21.98
N SER A 30 -14.85 22.30 22.40
CA SER A 30 -15.27 21.14 23.16
C SER A 30 -15.64 19.93 22.30
N VAL A 31 -15.73 20.07 20.97
CA VAL A 31 -16.21 18.96 20.15
C VAL A 31 -15.28 17.76 20.33
N THR A 32 -15.88 16.56 20.44
CA THR A 32 -15.09 15.35 20.64
C THR A 32 -14.82 14.59 19.35
N CYS A 33 -15.58 14.86 18.29
CA CYS A 33 -15.42 14.21 17.00
C CYS A 33 -15.96 15.16 15.95
N THR A 34 -15.21 15.37 14.88
CA THR A 34 -15.72 16.26 13.84
C THR A 34 -15.08 15.89 12.51
N TYR A 35 -15.87 16.00 11.44
CA TYR A 35 -15.48 15.50 10.13
C TYR A 35 -15.35 16.66 9.16
N SER A 36 -14.25 16.69 8.41
CA SER A 36 -14.03 17.71 7.39
C SER A 36 -14.31 17.13 6.02
N PRO A 37 -15.40 17.52 5.36
CA PRO A 37 -15.58 17.08 3.96
C PRO A 37 -14.47 17.55 3.04
N ALA A 38 -13.96 18.78 3.24
CA ALA A 38 -12.94 19.30 2.33
C ALA A 38 -11.67 18.46 2.41
N LEU A 39 -11.33 17.96 3.60
CA LEU A 39 -10.13 17.16 3.78
C LEU A 39 -10.40 15.66 3.71
N ASN A 40 -11.66 15.24 3.57
CA ASN A 40 -12.09 13.85 3.82
C ASN A 40 -11.39 13.28 5.06
N LYS A 41 -11.49 14.00 6.17
CA LYS A 41 -10.69 13.70 7.35
C LYS A 41 -11.54 13.82 8.61
N LEU A 42 -11.54 12.76 9.42
CA LEU A 42 -12.20 12.75 10.72
C LEU A 42 -11.19 13.11 11.79
N PHE A 43 -11.55 14.03 12.67
CA PHE A 43 -10.75 14.46 13.80
C PHE A 43 -11.44 14.03 15.08
N CYS A 44 -10.74 13.32 15.95
CA CYS A 44 -11.44 12.82 17.13
C CYS A 44 -10.50 12.75 18.33
N GLN A 45 -11.11 12.65 19.50
CA GLN A 45 -10.37 12.47 20.73
C GLN A 45 -10.18 10.99 21.02
N LEU A 46 -9.21 10.72 21.89
CA LEU A 46 -8.84 9.35 22.24
C LEU A 46 -9.98 8.63 22.93
N ALA A 47 -10.35 7.45 22.41
CA ALA A 47 -11.32 6.56 23.06
C ALA A 47 -12.70 7.19 23.19
N LYS A 48 -13.04 8.12 22.30
CA LYS A 48 -14.33 8.77 22.32
C LYS A 48 -15.18 8.27 21.16
N THR A 49 -16.50 8.45 21.28
CA THR A 49 -17.42 7.97 20.25
C THR A 49 -17.21 8.70 18.93
N CYS A 50 -17.00 7.94 17.85
CA CYS A 50 -16.94 8.47 16.49
C CYS A 50 -18.08 7.89 15.67
N PRO A 51 -19.18 8.63 15.48
CA PRO A 51 -20.29 8.11 14.66
C PRO A 51 -19.92 8.11 13.19
N VAL A 52 -20.13 6.97 12.54
CA VAL A 52 -19.95 6.84 11.10
C VAL A 52 -21.24 6.27 10.53
N GLN A 53 -21.83 7.01 9.59
CA GLN A 53 -23.06 6.57 8.93
C GLN A 53 -22.78 5.64 7.77
N LEU A 54 -23.69 4.69 7.56
CA LEU A 54 -23.66 3.76 6.44
C LEU A 54 -24.88 4.03 5.58
N TRP A 55 -24.66 4.34 4.31
CA TRP A 55 -25.72 4.62 3.35
C TRP A 55 -25.66 3.62 2.21
N VAL A 56 -26.83 3.13 1.79
CA VAL A 56 -26.96 2.33 0.57
C VAL A 56 -28.18 2.82 -0.18
N ASP A 57 -28.17 2.65 -1.51
CA ASP A 57 -29.34 2.88 -2.34
C ASP A 57 -30.33 1.73 -2.27
N SER A 58 -29.88 0.52 -1.95
CA SER A 58 -30.80 -0.59 -1.78
C SER A 58 -30.23 -1.54 -0.74
N THR A 59 -31.12 -2.15 0.01
CA THR A 59 -30.77 -2.97 1.16
C THR A 59 -30.01 -4.23 0.75
N PRO A 60 -28.82 -4.47 1.29
CA PRO A 60 -28.11 -5.72 0.99
C PRO A 60 -28.66 -6.87 1.82
N PRO A 61 -28.19 -8.10 1.57
CA PRO A 61 -28.81 -9.26 2.22
C PRO A 61 -28.54 -9.29 3.72
N PRO A 62 -29.42 -9.92 4.49
CA PRO A 62 -29.08 -10.30 5.86
C PRO A 62 -27.80 -11.13 5.88
N GLY A 63 -26.95 -10.86 6.86
CA GLY A 63 -25.65 -11.47 6.92
C GLY A 63 -24.54 -10.62 6.34
N THR A 64 -24.89 -9.53 5.65
CA THR A 64 -23.91 -8.54 5.27
C THR A 64 -23.25 -7.96 6.50
N ARG A 65 -21.95 -7.67 6.42
CA ARG A 65 -21.18 -7.13 7.53
C ARG A 65 -20.39 -5.92 7.07
N VAL A 66 -19.87 -5.16 8.05
CA VAL A 66 -19.10 -3.95 7.77
CA VAL A 66 -19.12 -3.93 7.79
C VAL A 66 -17.82 -4.01 8.57
N ARG A 67 -16.69 -3.91 7.89
CA ARG A 67 -15.36 -4.03 8.48
C ARG A 67 -14.62 -2.70 8.44
N ALA A 68 -13.89 -2.40 9.51
CA ALA A 68 -13.00 -1.23 9.55
C ALA A 68 -11.56 -1.69 9.70
N MET A 69 -10.66 -1.05 8.96
CA MET A 69 -9.23 -1.33 9.05
C MET A 69 -8.47 -0.03 8.84
N ALA A 70 -7.41 0.19 9.60
CA ALA A 70 -6.54 1.35 9.43
C ALA A 70 -5.32 0.98 8.58
N ILE A 71 -4.93 1.91 7.70
CA ILE A 71 -3.66 1.82 6.97
C ILE A 71 -2.97 3.18 7.01
N TYR A 72 -1.64 3.16 6.98
CA TYR A 72 -0.91 4.41 6.87
C TYR A 72 -1.12 5.01 5.48
N LYS A 73 -1.31 6.33 5.44
CA LYS A 73 -1.64 7.03 4.20
C LYS A 73 -0.42 7.20 3.29
N GLN A 74 0.75 7.42 3.87
CA GLN A 74 1.93 7.71 3.06
C GLN A 74 2.51 6.44 2.45
N SER A 75 3.01 6.58 1.22
CA SER A 75 3.53 5.45 0.45
C SER A 75 4.54 4.62 1.22
N GLN A 76 5.49 5.27 1.89
CA GLN A 76 6.57 4.52 2.52
C GLN A 76 6.14 3.82 3.79
N HIS A 77 4.93 4.06 4.27
CA HIS A 77 4.44 3.42 5.49
C HIS A 77 3.27 2.50 5.28
N MET A 78 2.69 2.46 4.08
CA MET A 78 1.44 1.73 3.89
CA MET A 78 1.44 1.74 3.89
C MET A 78 1.60 0.24 4.14
N THR A 79 2.81 -0.31 3.95
CA THR A 79 2.94 -1.74 4.19
C THR A 79 3.13 -2.10 5.67
N GLU A 80 3.27 -1.10 6.54
CA GLU A 80 3.39 -1.35 7.98
C GLU A 80 2.02 -1.51 8.62
N VAL A 81 1.85 -2.56 9.41
CA VAL A 81 0.60 -2.73 10.15
C VAL A 81 0.40 -1.53 11.10
N VAL A 82 -0.78 -0.93 11.02
CA VAL A 82 -1.17 0.10 11.99
C VAL A 82 -1.57 -0.60 13.29
N ARG A 83 -0.91 -0.24 14.39
CA ARG A 83 -1.19 -0.86 15.67
C ARG A 83 -1.05 0.16 16.79
N ARG A 84 -1.53 -0.21 17.97
CA ARG A 84 -1.37 0.66 19.13
C ARG A 84 0.09 0.68 19.57
N CYS A 85 0.47 1.79 20.21
CA CYS A 85 1.84 2.07 20.60
C CYS A 85 2.27 1.18 21.78
N PRO A 86 3.57 1.14 22.09
CA PRO A 86 4.01 0.29 23.21
C PRO A 86 3.37 0.64 24.53
N HIS A 87 3.01 1.91 24.75
CA HIS A 87 2.34 2.25 26.00
C HIS A 87 0.91 1.75 26.02
N HIS A 88 0.15 2.04 24.96
CA HIS A 88 -1.28 1.75 25.06
C HIS A 88 -1.59 0.27 24.91
N GLU A 89 -0.75 -0.49 24.20
CA GLU A 89 -1.02 -1.92 24.09
C GLU A 89 -0.81 -2.64 25.41
N ARG A 90 -0.08 -2.03 26.34
CA ARG A 90 0.20 -2.63 27.64
C ARG A 90 -0.64 -2.03 28.78
N CYS A 91 -1.60 -1.15 28.47
CA CYS A 91 -2.29 -0.48 29.57
CA CYS A 91 -2.38 -0.44 29.47
C CYS A 91 -3.53 -1.25 30.06
N SER A 92 -3.77 -2.46 29.54
CA SER A 92 -4.79 -3.36 30.10
CA SER A 92 -4.79 -3.37 30.09
C SER A 92 -6.17 -2.70 30.09
N ASP A 93 -6.57 -2.17 28.94
CA ASP A 93 -7.86 -1.49 28.83
C ASP A 93 -8.81 -2.18 27.86
N SER A 94 -8.61 -3.47 27.57
CA SER A 94 -9.54 -4.16 26.67
C SER A 94 -10.93 -4.25 27.29
N ASP A 95 -11.95 -4.09 26.45
CA ASP A 95 -13.33 -4.29 26.88
C ASP A 95 -13.71 -5.76 26.97
N GLY A 96 -12.78 -6.68 26.67
CA GLY A 96 -13.08 -8.08 26.62
C GLY A 96 -13.24 -8.65 25.23
N LEU A 97 -13.46 -7.79 24.23
CA LEU A 97 -13.50 -8.22 22.83
C LEU A 97 -12.29 -7.76 22.05
N ALA A 98 -11.89 -6.50 22.21
CA ALA A 98 -10.80 -5.99 21.39
C ALA A 98 -9.45 -6.45 21.95
N PRO A 99 -8.57 -7.01 21.12
CA PRO A 99 -7.20 -7.24 21.57
C PRO A 99 -6.55 -5.92 21.90
N PRO A 100 -5.67 -5.90 22.91
CA PRO A 100 -5.06 -4.62 23.32
C PRO A 100 -4.22 -3.96 22.23
N GLN A 101 -3.80 -4.69 21.20
CA GLN A 101 -3.01 -4.09 20.11
C GLN A 101 -3.85 -3.30 19.11
N HIS A 102 -5.17 -3.50 19.08
CA HIS A 102 -5.99 -2.98 17.99
C HIS A 102 -6.30 -1.50 18.20
N LEU A 103 -6.03 -0.71 17.17
CA LEU A 103 -6.31 0.73 17.22
C LEU A 103 -7.81 1.03 17.22
N ILE A 104 -8.56 0.37 16.34
CA ILE A 104 -9.98 0.67 16.13
C ILE A 104 -10.84 -0.31 16.91
N ARG A 105 -11.72 0.21 17.76
CA ARG A 105 -12.73 -0.61 18.40
C ARG A 105 -14.11 -0.15 17.96
N VAL A 106 -15.07 -1.04 18.05
CA VAL A 106 -16.48 -0.67 17.93
C VAL A 106 -17.08 -0.54 19.32
N GLU A 107 -17.78 0.57 19.55
CA GLU A 107 -18.43 0.83 20.83
C GLU A 107 -19.88 0.38 20.78
N GLY A 108 -20.31 -0.33 21.82
CA GLY A 108 -21.73 -0.59 21.98
C GLY A 108 -22.32 -1.62 21.04
N ASN A 109 -21.55 -2.61 20.62
CA ASN A 109 -22.07 -3.70 19.81
C ASN A 109 -21.40 -4.98 20.29
N LEU A 110 -22.16 -5.80 21.01
CA LEU A 110 -21.64 -7.05 21.54
C LEU A 110 -21.34 -8.07 20.46
N ARG A 111 -21.78 -7.85 19.23
CA ARG A 111 -21.49 -8.73 18.11
C ARG A 111 -20.24 -8.31 17.34
N ALA A 112 -19.51 -7.32 17.83
CA ALA A 112 -18.28 -6.93 17.19
C ALA A 112 -17.25 -8.06 17.27
N GLU A 113 -16.58 -8.32 16.16
CA GLU A 113 -15.52 -9.32 16.08
C GLU A 113 -14.22 -8.68 15.62
N TYR A 114 -13.12 -9.14 16.18
CA TYR A 114 -11.80 -8.57 15.93
C TYR A 114 -10.94 -9.61 15.22
N LEU A 115 -10.30 -9.22 14.12
CA LEU A 115 -9.48 -10.12 13.34
C LEU A 115 -8.01 -9.72 13.40
N ASP A 116 -7.14 -10.68 13.72
CA ASP A 116 -5.71 -10.62 13.40
C ASP A 116 -5.53 -11.46 12.14
N ASP A 117 -5.25 -10.81 11.01
CA ASP A 117 -5.12 -11.56 9.76
C ASP A 117 -3.93 -12.50 9.81
N ARG A 118 -4.19 -13.78 9.54
CA ARG A 118 -3.14 -14.79 9.69
C ARG A 118 -2.02 -14.61 8.67
N ASN A 119 -2.29 -13.98 7.53
CA ASN A 119 -1.28 -13.78 6.49
C ASN A 119 -0.63 -12.42 6.53
N THR A 120 -1.39 -11.35 6.76
CA THR A 120 -0.85 -9.99 6.71
C THR A 120 -0.60 -9.39 8.09
N PHE A 121 -1.09 -10.02 9.16
CA PHE A 121 -1.00 -9.53 10.53
C PHE A 121 -1.73 -8.20 10.73
N ARG A 122 -2.53 -7.77 9.76
CA ARG A 122 -3.28 -6.53 9.96
C ARG A 122 -4.52 -6.77 10.84
N HIS A 123 -4.96 -5.70 11.49
CA HIS A 123 -6.07 -5.74 12.43
C HIS A 123 -7.33 -5.18 11.78
N SER A 124 -8.48 -5.75 12.16
CA SER A 124 -9.74 -5.17 11.72
C SER A 124 -10.82 -5.55 12.73
N VAL A 125 -11.92 -4.80 12.68
CA VAL A 125 -13.09 -5.05 13.51
C VAL A 125 -14.31 -5.05 12.60
N VAL A 126 -15.20 -6.03 12.76
CA VAL A 126 -16.33 -6.23 11.85
C VAL A 126 -17.59 -6.48 12.67
N VAL A 127 -18.70 -5.92 12.22
CA VAL A 127 -20.01 -6.09 12.86
C VAL A 127 -21.04 -6.45 11.81
N PRO A 128 -22.14 -7.09 12.21
CA PRO A 128 -23.27 -7.25 11.30
C PRO A 128 -23.87 -5.89 10.98
N CYS A 129 -24.46 -5.76 9.79
CA CYS A 129 -25.21 -4.58 9.38
CA CYS A 129 -25.23 -4.56 9.57
C CYS A 129 -26.70 -4.89 9.40
N GLU A 130 -27.51 -3.92 9.77
CA GLU A 130 -28.96 -4.04 9.82
C GLU A 130 -29.56 -2.83 9.13
N PRO A 131 -30.81 -2.92 8.68
CA PRO A 131 -31.46 -1.75 8.09
C PRO A 131 -31.68 -0.68 9.15
N PRO A 132 -31.93 0.56 8.74
CA PRO A 132 -32.10 1.64 9.71
C PRO A 132 -33.29 1.41 10.62
N GLU A 133 -33.20 1.97 11.83
CA GLU A 133 -34.35 1.98 12.73
C GLU A 133 -35.52 2.72 12.09
N VAL A 134 -36.71 2.46 12.64
CA VAL A 134 -37.92 3.10 12.11
C VAL A 134 -37.78 4.61 12.21
N GLY A 135 -38.05 5.30 11.11
CA GLY A 135 -37.88 6.74 11.05
C GLY A 135 -36.48 7.23 10.77
N SER A 136 -35.51 6.34 10.60
CA SER A 136 -34.15 6.73 10.24
C SER A 136 -33.87 6.35 8.78
N ASP A 137 -32.94 7.07 8.15
CA ASP A 137 -32.60 6.81 6.76
C ASP A 137 -31.24 6.15 6.57
N CYS A 138 -30.46 5.96 7.65
CA CYS A 138 -29.16 5.32 7.56
C CYS A 138 -28.91 4.61 8.88
N THR A 139 -27.92 3.73 8.89
CA THR A 139 -27.46 3.17 10.15
C THR A 139 -26.14 3.83 10.53
N THR A 140 -25.78 3.71 11.80
CA THR A 140 -24.59 4.36 12.33
C THR A 140 -23.79 3.35 13.14
N ILE A 141 -22.49 3.29 12.88
CA ILE A 141 -21.57 2.55 13.73
C ILE A 141 -20.78 3.55 14.55
N HIS A 142 -20.53 3.20 15.81
CA HIS A 142 -19.72 4.05 16.67
CA HIS A 142 -19.72 4.04 16.70
C HIS A 142 -18.35 3.40 16.85
N TYR A 143 -17.31 4.08 16.37
CA TYR A 143 -15.94 3.63 16.49
C TYR A 143 -15.23 4.39 17.59
N ASN A 144 -14.20 3.76 18.17
CA ASN A 144 -13.28 4.39 19.11
C ASN A 144 -11.86 4.17 18.60
N TYR A 145 -11.05 5.21 18.62
CA TYR A 145 -9.64 5.11 18.23
C TYR A 145 -8.81 5.16 19.51
N MET A 146 -7.94 4.16 19.70
CA MET A 146 -7.37 3.90 21.01
C MET A 146 -5.92 4.36 21.17
N CYS A 147 -5.38 5.10 20.19
CA CYS A 147 -4.10 5.80 20.34
C CYS A 147 -4.24 7.19 19.74
N TYR A 148 -3.45 8.14 20.22
CA TYR A 148 -3.30 9.41 19.53
C TYR A 148 -2.50 9.23 18.26
N SER A 149 -2.77 10.07 17.26
CA SER A 149 -1.90 10.12 16.08
C SER A 149 -0.43 10.33 16.47
N SER A 150 -0.18 11.06 17.56
CA SER A 150 1.18 11.39 18.00
C SER A 150 1.85 10.30 18.85
N CYS A 151 1.19 9.17 19.10
CA CYS A 151 1.75 8.17 20.00
C CYS A 151 3.04 7.58 19.44
N MET A 152 4.14 7.77 20.17
CA MET A 152 5.44 7.32 19.70
C MET A 152 5.55 5.80 19.79
N GLY A 153 6.16 5.20 18.77
CA GLY A 153 6.19 3.74 18.66
C GLY A 153 4.91 3.15 18.12
N GLY A 154 3.86 3.93 17.95
CA GLY A 154 2.68 3.51 17.22
C GLY A 154 2.57 4.33 15.94
N MET A 155 1.46 5.06 15.78
CA MET A 155 1.31 5.87 14.58
C MET A 155 2.41 6.90 14.42
N ASN A 156 2.99 7.39 15.53
CA ASN A 156 4.26 8.11 15.47
C ASN A 156 4.13 9.39 14.62
N ARG A 157 2.98 10.06 14.72
CA ARG A 157 2.61 11.26 13.97
C ARG A 157 2.36 11.00 12.48
N ARG A 158 2.25 9.73 12.06
CA ARG A 158 1.97 9.44 10.65
C ARG A 158 0.46 9.42 10.40
N PRO A 159 -0.02 10.07 9.35
CA PRO A 159 -1.46 10.02 9.05
C PRO A 159 -1.91 8.63 8.65
N ILE A 160 -3.15 8.30 9.03
CA ILE A 160 -3.76 7.02 8.66
C ILE A 160 -5.06 7.28 7.92
N LEU A 161 -5.45 6.30 7.12
CA LEU A 161 -6.80 6.15 6.60
C LEU A 161 -7.52 5.06 7.36
N THR A 162 -8.83 5.22 7.52
CA THR A 162 -9.69 4.10 7.88
C THR A 162 -10.40 3.66 6.61
N ILE A 163 -10.29 2.37 6.30
CA ILE A 163 -11.00 1.77 5.18
C ILE A 163 -12.21 1.05 5.72
N ILE A 164 -13.40 1.39 5.23
CA ILE A 164 -14.63 0.72 5.61
C ILE A 164 -15.07 -0.15 4.44
N THR A 165 -15.29 -1.44 4.68
CA THR A 165 -15.73 -2.32 3.62
CA THR A 165 -15.70 -2.37 3.64
C THR A 165 -17.04 -2.99 3.99
N LEU A 166 -17.94 -3.02 3.02
CA LEU A 166 -19.17 -3.79 3.10
C LEU A 166 -18.87 -5.17 2.52
N GLU A 167 -19.21 -6.22 3.26
CA GLU A 167 -18.82 -7.57 2.90
C GLU A 167 -20.03 -8.49 2.98
N ASP A 168 -20.06 -9.50 2.13
CA ASP A 168 -21.07 -10.53 2.34
C ASP A 168 -20.67 -11.44 3.51
N SER A 169 -21.51 -12.43 3.81
CA SER A 169 -21.25 -13.27 4.97
C SER A 169 -19.97 -14.09 4.85
N SER A 170 -19.47 -14.31 3.62
CA SER A 170 -18.18 -14.98 3.41
C SER A 170 -16.99 -14.03 3.48
N GLY A 171 -17.22 -12.72 3.57
CA GLY A 171 -16.14 -11.75 3.52
C GLY A 171 -15.83 -11.20 2.14
N ASN A 172 -16.61 -11.55 1.13
CA ASN A 172 -16.39 -11.01 -0.21
C ASN A 172 -16.79 -9.53 -0.28
N LEU A 173 -16.07 -8.79 -1.11
CA LEU A 173 -16.26 -7.34 -1.19
C LEU A 173 -17.60 -7.00 -1.84
N LEU A 174 -18.39 -6.16 -1.16
CA LEU A 174 -19.58 -5.55 -1.75
C LEU A 174 -19.45 -4.05 -1.96
N GLY A 175 -18.59 -3.38 -1.20
CA GLY A 175 -18.46 -1.94 -1.30
C GLY A 175 -17.32 -1.47 -0.41
N ARG A 176 -16.80 -0.29 -0.73
CA ARG A 176 -15.66 0.24 0.01
C ARG A 176 -15.66 1.76 0.00
N ASP A 177 -15.26 2.35 1.13
CA ASP A 177 -15.11 3.80 1.28
C ASP A 177 -13.98 4.02 2.28
N SER A 178 -13.56 5.27 2.44
CA SER A 178 -12.44 5.53 3.33
C SER A 178 -12.40 7.00 3.70
N PHE A 179 -11.65 7.29 4.78
CA PHE A 179 -11.45 8.66 5.24
C PHE A 179 -10.17 8.69 6.06
N GLU A 180 -9.51 9.85 6.04
CA GLU A 180 -8.34 10.06 6.88
C GLU A 180 -8.78 10.31 8.33
N VAL A 181 -7.90 9.99 9.28
CA VAL A 181 -8.21 10.15 10.70
C VAL A 181 -7.06 10.84 11.40
N ARG A 182 -7.38 11.82 12.24
CA ARG A 182 -6.43 12.36 13.20
C ARG A 182 -7.03 12.21 14.59
N VAL A 183 -6.35 11.47 15.46
CA VAL A 183 -6.75 11.34 16.85
C VAL A 183 -5.93 12.32 17.65
N CYS A 184 -6.59 13.28 18.29
CA CYS A 184 -5.89 14.42 18.86
C CYS A 184 -6.67 14.94 20.06
N ALA A 185 -6.02 15.83 20.83
CA ALA A 185 -6.64 16.35 22.03
C ALA A 185 -7.77 17.35 21.74
N CYS A 186 -7.65 18.17 20.68
CA CYS A 186 -8.64 19.19 20.38
CA CYS A 186 -8.63 19.20 20.37
C CYS A 186 -9.04 19.11 18.91
N PRO A 187 -9.95 18.19 18.56
CA PRO A 187 -10.36 18.05 17.15
C PRO A 187 -10.89 19.32 16.50
N GLY A 188 -11.68 20.12 17.24
CA GLY A 188 -12.23 21.32 16.65
C GLY A 188 -11.17 22.30 16.18
N ARG A 189 -10.20 22.60 17.05
CA ARG A 189 -9.14 23.51 16.65
C ARG A 189 -8.32 22.91 15.52
N ASP A 190 -8.01 21.62 15.60
CA ASP A 190 -7.18 21.00 14.58
C ASP A 190 -7.88 20.98 13.24
N ARG A 191 -9.19 20.69 13.22
CA ARG A 191 -9.91 20.76 11.95
C ARG A 191 -9.90 22.18 11.40
N ARG A 192 -10.16 23.17 12.26
CA ARG A 192 -10.12 24.57 11.82
C ARG A 192 -8.76 24.92 11.23
N THR A 193 -7.69 24.55 11.94
CA THR A 193 -6.34 24.82 11.48
C THR A 193 -6.07 24.16 10.13
N GLU A 194 -6.35 22.85 10.02
CA GLU A 194 -6.03 22.17 8.76
C GLU A 194 -6.89 22.70 7.62
N GLU A 195 -8.15 23.07 7.90
CA GLU A 195 -8.96 23.67 6.85
C GLU A 195 -8.45 25.07 6.51
N GLU A 196 -7.95 25.81 7.50
CA GLU A 196 -7.34 27.09 7.19
C GLU A 196 -6.09 26.91 6.34
N ASN A 197 -5.24 25.94 6.70
CA ASN A 197 -4.07 25.63 5.88
C ASN A 197 -4.49 25.31 4.45
N LEU A 198 -5.55 24.52 4.27
CA LEU A 198 -6.02 24.19 2.93
C LEU A 198 -6.36 25.45 2.14
N ARG A 199 -6.93 26.45 2.81
CA ARG A 199 -7.38 27.67 2.14
C ARG A 199 -6.19 28.46 1.59
N LYS A 200 -4.97 28.01 1.87
CA LYS A 200 -3.78 28.68 1.37
C LYS A 200 -3.10 27.86 0.28
N GLY B 1 30.85 -11.44 -10.41
CA GLY B 1 30.51 -12.55 -11.28
C GLY B 1 29.83 -12.10 -12.56
N SER B 2 30.20 -12.71 -13.68
CA SER B 2 29.75 -12.28 -15.00
C SER B 2 29.03 -13.40 -15.72
N SER B 3 27.84 -13.08 -16.22
CA SER B 3 26.98 -14.00 -16.96
C SER B 3 27.52 -14.24 -18.37
N SER B 4 27.16 -15.39 -18.95
CA SER B 4 27.50 -15.67 -20.34
C SER B 4 26.53 -15.01 -21.32
N SER B 5 25.55 -14.27 -20.84
CA SER B 5 24.58 -13.65 -21.73
C SER B 5 24.02 -12.39 -21.08
N VAL B 6 23.18 -11.68 -21.83
CA VAL B 6 22.47 -10.50 -21.32
C VAL B 6 21.00 -10.68 -21.67
N PRO B 7 20.08 -10.57 -20.72
CA PRO B 7 18.65 -10.66 -21.07
C PRO B 7 18.24 -9.52 -22.00
N SER B 8 17.35 -9.84 -22.94
CA SER B 8 16.82 -8.79 -23.79
C SER B 8 16.10 -7.75 -22.96
N GLN B 9 16.21 -6.49 -23.37
CA GLN B 9 15.44 -5.41 -22.77
C GLN B 9 14.43 -4.82 -23.75
N LYS B 10 14.14 -5.52 -24.83
CA LYS B 10 13.26 -4.99 -25.86
C LYS B 10 11.82 -4.96 -25.37
N THR B 11 11.21 -3.76 -25.40
CA THR B 11 9.79 -3.64 -25.07
C THR B 11 8.95 -4.49 -26.01
N TYR B 12 8.02 -5.25 -25.43
CA TYR B 12 7.22 -6.20 -26.19
C TYR B 12 5.85 -6.28 -25.53
N GLN B 13 4.83 -5.67 -26.14
CA GLN B 13 3.51 -5.74 -25.54
C GLN B 13 2.90 -7.13 -25.66
N GLY B 14 3.20 -7.85 -26.73
CA GLY B 14 2.69 -9.20 -26.89
C GLY B 14 1.19 -9.23 -27.17
N SER B 15 0.64 -10.45 -27.21
CA SER B 15 -0.76 -10.62 -27.61
CA SER B 15 -0.76 -10.57 -27.64
C SER B 15 -1.73 -9.97 -26.63
N TYR B 16 -1.31 -9.74 -25.38
CA TYR B 16 -2.21 -9.19 -24.36
C TYR B 16 -2.05 -7.69 -24.15
N GLY B 17 -1.14 -7.05 -24.86
CA GLY B 17 -0.95 -5.62 -24.69
C GLY B 17 -0.36 -5.25 -23.34
N PHE B 18 0.65 -5.99 -22.90
CA PHE B 18 1.24 -5.78 -21.59
C PHE B 18 2.12 -4.53 -21.54
N ARG B 19 1.96 -3.74 -20.48
CA ARG B 19 2.85 -2.62 -20.22
C ARG B 19 2.73 -2.20 -18.76
N LEU B 20 3.71 -1.43 -18.31
CA LEU B 20 3.75 -0.97 -16.93
C LEU B 20 3.05 0.37 -16.80
N GLY B 21 2.75 0.74 -15.57
CA GLY B 21 2.29 2.07 -15.25
C GLY B 21 2.89 2.51 -13.93
N PHE B 22 3.04 3.83 -13.78
CA PHE B 22 3.61 4.39 -12.57
C PHE B 22 2.72 5.51 -12.04
N LEU B 23 2.74 5.68 -10.72
CA LEU B 23 2.00 6.78 -10.11
C LEU B 23 2.72 8.10 -10.38
N HIS B 24 2.01 9.20 -10.12
CA HIS B 24 2.57 10.55 -10.25
C HIS B 24 2.79 11.07 -8.82
N SER B 25 4.01 10.88 -8.34
CA SER B 25 4.32 11.08 -6.94
C SER B 25 4.98 12.42 -6.66
N GLY B 26 5.41 13.15 -7.69
CA GLY B 26 6.01 14.45 -7.50
C GLY B 26 7.48 14.33 -7.14
N THR B 27 8.09 15.49 -6.85
CA THR B 27 9.52 15.56 -6.59
C THR B 27 9.84 16.31 -5.31
N ALA B 28 8.92 16.32 -4.34
CA ALA B 28 9.21 16.95 -3.06
C ALA B 28 10.42 16.28 -2.42
N LYS B 29 11.14 17.06 -1.62
CA LYS B 29 12.31 16.55 -0.90
C LYS B 29 11.99 15.29 -0.10
N SER B 30 10.75 15.17 0.38
CA SER B 30 10.37 14.07 1.26
C SER B 30 9.89 12.82 0.52
N VAL B 31 9.77 12.86 -0.81
CA VAL B 31 9.21 11.71 -1.54
C VAL B 31 10.20 10.55 -1.50
N THR B 32 9.68 9.33 -1.38
CA THR B 32 10.51 8.14 -1.22
C THR B 32 10.53 7.27 -2.46
N CYS B 33 9.65 7.52 -3.42
CA CYS B 33 9.61 6.78 -4.67
C CYS B 33 8.96 7.70 -5.68
N THR B 34 9.63 7.96 -6.80
CA THR B 34 9.04 8.81 -7.82
C THR B 34 9.56 8.39 -9.19
N TYR B 35 8.68 8.44 -10.19
CA TYR B 35 8.99 7.95 -11.53
C TYR B 35 9.02 9.11 -12.52
N SER B 36 10.08 9.15 -13.34
CA SER B 36 10.24 10.15 -14.39
C SER B 36 9.87 9.53 -15.74
N PRO B 37 8.73 9.91 -16.35
CA PRO B 37 8.48 9.46 -17.72
C PRO B 37 9.46 10.01 -18.73
N ALA B 38 9.99 11.22 -18.53
CA ALA B 38 10.92 11.78 -19.50
C ALA B 38 12.21 10.97 -19.57
N LEU B 39 12.64 10.44 -18.44
CA LEU B 39 13.86 9.65 -18.38
C LEU B 39 13.61 8.16 -18.42
N ASN B 40 12.34 7.73 -18.38
CA ASN B 40 11.93 6.36 -18.10
C ASN B 40 12.74 5.78 -16.94
N LYS B 41 12.65 6.44 -15.80
CA LYS B 41 13.55 6.14 -14.69
C LYS B 41 12.83 6.31 -13.35
N LEU B 42 12.92 5.29 -12.52
CA LEU B 42 12.36 5.28 -11.17
C LEU B 42 13.43 5.72 -10.19
N PHE B 43 13.08 6.64 -9.29
CA PHE B 43 13.98 7.06 -8.21
C PHE B 43 13.34 6.66 -6.90
N CYS B 44 14.09 5.97 -6.05
CA CYS B 44 13.52 5.46 -4.81
C CYS B 44 14.58 5.38 -3.73
N GLN B 45 14.13 5.48 -2.48
CA GLN B 45 15.00 5.29 -1.33
C GLN B 45 15.23 3.81 -1.07
N LEU B 46 16.29 3.54 -0.31
CA LEU B 46 16.65 2.17 0.05
C LEU B 46 15.51 1.43 0.76
N ALA B 47 15.12 0.28 0.20
CA ALA B 47 14.18 -0.67 0.78
C ALA B 47 12.77 -0.11 0.93
N LYS B 48 12.45 1.02 0.30
CA LYS B 48 11.11 1.56 0.43
C LYS B 48 10.19 0.99 -0.63
N THR B 49 8.88 1.08 -0.38
CA THR B 49 7.89 0.50 -1.28
C THR B 49 7.84 1.24 -2.60
N CYS B 50 7.93 0.48 -3.71
CA CYS B 50 7.87 1.03 -5.07
C CYS B 50 6.68 0.41 -5.79
N PRO B 51 5.57 1.13 -5.89
CA PRO B 51 4.39 0.56 -6.57
C PRO B 51 4.56 0.63 -8.08
N VAL B 52 4.32 -0.49 -8.75
CA VAL B 52 4.40 -0.56 -10.19
C VAL B 52 3.10 -1.18 -10.69
N GLN B 53 2.42 -0.49 -11.59
CA GLN B 53 1.16 -0.99 -12.11
C GLN B 53 1.40 -1.97 -13.25
N LEU B 54 0.50 -2.94 -13.37
CA LEU B 54 0.52 -3.88 -14.48
C LEU B 54 -0.75 -3.69 -15.29
N TRP B 55 -0.60 -3.44 -16.58
CA TRP B 55 -1.71 -3.18 -17.50
C TRP B 55 -1.68 -4.17 -18.65
N VAL B 56 -2.85 -4.69 -19.02
CA VAL B 56 -3.03 -5.43 -20.26
C VAL B 56 -4.32 -4.97 -20.93
N ASP B 57 -4.39 -5.13 -22.26
CA ASP B 57 -5.64 -4.89 -22.97
C ASP B 57 -6.61 -6.05 -22.81
N SER B 58 -6.11 -7.27 -22.63
CA SER B 58 -6.95 -8.44 -22.45
C SER B 58 -6.30 -9.38 -21.43
N THR B 59 -7.15 -10.06 -20.68
CA THR B 59 -6.69 -10.86 -19.54
C THR B 59 -5.93 -12.09 -20.02
N PRO B 60 -4.68 -12.28 -19.58
CA PRO B 60 -3.92 -13.49 -19.96
C PRO B 60 -4.37 -14.70 -19.14
N PRO B 61 -3.86 -15.89 -19.46
CA PRO B 61 -4.38 -17.10 -18.81
C PRO B 61 -4.04 -17.16 -17.33
N PRO B 62 -4.89 -17.79 -16.52
CA PRO B 62 -4.46 -18.21 -15.18
C PRO B 62 -3.13 -18.93 -15.23
N GLY B 63 -2.26 -18.65 -14.28
CA GLY B 63 -0.93 -19.22 -14.26
C GLY B 63 0.13 -18.36 -14.91
N THR B 64 -0.27 -17.31 -15.61
CA THR B 64 0.65 -16.28 -16.04
C THR B 64 1.34 -15.66 -14.83
N ARG B 65 2.64 -15.36 -14.97
CA ARG B 65 3.42 -14.80 -13.88
C ARG B 65 4.17 -13.56 -14.38
N VAL B 66 4.69 -12.78 -13.44
CA VAL B 66 5.43 -11.58 -13.75
CA VAL B 66 5.41 -11.55 -13.72
C VAL B 66 6.74 -11.61 -13.00
N ARG B 67 7.84 -11.47 -13.72
CA ARG B 67 9.18 -11.59 -13.18
C ARG B 67 9.90 -10.26 -13.29
N ALA B 68 10.73 -9.96 -12.28
CA ALA B 68 11.54 -8.76 -12.26
C ALA B 68 13.00 -9.18 -12.17
N MET B 69 13.86 -8.48 -12.91
CA MET B 69 15.28 -8.77 -12.94
C MET B 69 16.02 -7.46 -13.19
N ALA B 70 17.18 -7.28 -12.58
CA ALA B 70 17.98 -6.09 -12.80
C ALA B 70 19.22 -6.43 -13.62
N ILE B 71 19.59 -5.53 -14.55
CA ILE B 71 20.86 -5.60 -15.27
C ILE B 71 21.50 -4.23 -15.25
N TYR B 72 22.81 -4.19 -15.46
CA TYR B 72 23.49 -2.90 -15.66
C TYR B 72 23.17 -2.32 -17.02
N LYS B 73 22.97 -1.01 -17.06
CA LYS B 73 22.54 -0.33 -18.28
C LYS B 73 23.68 -0.14 -19.27
N GLN B 74 24.87 0.18 -18.76
CA GLN B 74 26.01 0.45 -19.64
C GLN B 74 26.53 -0.83 -20.31
N SER B 75 26.84 -0.71 -21.59
CA SER B 75 27.22 -1.87 -22.41
C SER B 75 28.37 -2.64 -21.79
N GLN B 76 29.38 -1.94 -21.27
CA GLN B 76 30.55 -2.62 -20.73
C GLN B 76 30.29 -3.33 -19.42
N HIS B 77 29.13 -3.10 -18.79
CA HIS B 77 28.80 -3.76 -17.53
C HIS B 77 27.63 -4.73 -17.63
N MET B 78 27.02 -4.86 -18.82
CA MET B 78 25.78 -5.62 -18.91
C MET B 78 25.93 -7.08 -18.48
N THR B 79 27.12 -7.67 -18.67
CA THR B 79 27.28 -9.09 -18.34
C THR B 79 27.56 -9.33 -16.87
N GLU B 80 27.72 -8.30 -16.06
CA GLU B 80 27.98 -8.49 -14.63
C GLU B 80 26.64 -8.64 -13.91
N VAL B 81 26.52 -9.70 -13.11
CA VAL B 81 25.29 -9.94 -12.37
C VAL B 81 25.07 -8.83 -11.36
N VAL B 82 23.87 -8.25 -11.35
CA VAL B 82 23.52 -7.24 -10.37
C VAL B 82 23.16 -7.93 -9.06
N ARG B 83 23.82 -7.52 -7.98
CA ARG B 83 23.59 -8.15 -6.67
C ARG B 83 23.82 -7.12 -5.58
N ARG B 84 23.39 -7.47 -4.37
CA ARG B 84 23.65 -6.60 -3.23
C ARG B 84 25.14 -6.58 -2.90
N CYS B 85 25.57 -5.49 -2.29
CA CYS B 85 26.97 -5.26 -1.97
C CYS B 85 27.41 -6.12 -0.78
N PRO B 86 28.72 -6.20 -0.50
CA PRO B 86 29.19 -7.07 0.58
C PRO B 86 28.66 -6.69 1.95
N HIS B 87 28.21 -5.44 2.12
CA HIS B 87 27.63 -5.03 3.40
C HIS B 87 26.17 -5.44 3.47
N HIS B 88 25.38 -5.09 2.45
CA HIS B 88 23.95 -5.29 2.61
C HIS B 88 23.58 -6.76 2.53
N GLU B 89 24.36 -7.59 1.82
CA GLU B 89 24.01 -9.00 1.80
C GLU B 89 24.18 -9.67 3.16
N ARG B 90 24.80 -8.98 4.12
CA ARG B 90 25.04 -9.55 5.45
C ARG B 90 24.30 -8.81 6.55
N CYS B 91 23.21 -8.12 6.26
N CYS B 91 23.41 -7.90 6.22
CA CYS B 91 22.60 -7.15 7.18
CA CYS B 91 22.60 -7.24 7.23
C CYS B 91 21.54 -7.69 8.15
C CYS B 91 21.29 -8.01 7.27
N SER B 92 21.23 -8.98 8.16
CA SER B 92 20.01 -9.52 8.76
C SER B 92 18.79 -8.61 8.59
N ASP B 93 18.42 -8.32 7.34
CA ASP B 93 17.19 -7.60 7.02
C ASP B 93 16.26 -8.48 6.19
N SER B 94 16.41 -9.79 6.32
CA SER B 94 15.60 -10.74 5.56
C SER B 94 14.13 -10.60 5.94
N ASP B 95 13.28 -10.84 4.95
CA ASP B 95 11.85 -10.89 5.14
C ASP B 95 11.34 -12.32 5.26
N GLY B 96 12.24 -13.28 5.38
CA GLY B 96 11.89 -14.68 5.46
C GLY B 96 11.84 -15.42 4.14
N LEU B 97 11.93 -14.72 3.01
CA LEU B 97 11.75 -15.38 1.73
C LEU B 97 12.85 -14.99 0.74
N ALA B 98 13.13 -13.71 0.63
CA ALA B 98 14.14 -13.25 -0.30
C ALA B 98 15.53 -13.69 0.14
N PRO B 99 16.32 -14.29 -0.74
CA PRO B 99 17.74 -14.51 -0.43
C PRO B 99 18.40 -13.18 -0.13
N PRO B 100 19.33 -13.14 0.83
CA PRO B 100 19.95 -11.86 1.20
C PRO B 100 20.82 -11.25 0.12
N GLN B 101 21.18 -12.01 -0.92
CA GLN B 101 21.96 -11.49 -2.03
C GLN B 101 21.12 -10.70 -3.04
N HIS B 102 19.80 -10.88 -3.07
CA HIS B 102 18.98 -10.33 -4.13
C HIS B 102 18.70 -8.83 -3.95
N LEU B 103 18.97 -8.06 -5.00
CA LEU B 103 18.68 -6.63 -4.98
C LEU B 103 17.18 -6.36 -4.95
N ILE B 104 16.39 -7.07 -5.77
CA ILE B 104 14.97 -6.76 -5.93
C ILE B 104 14.13 -7.73 -5.11
N ARG B 105 13.28 -7.20 -4.24
CA ARG B 105 12.29 -8.02 -3.56
C ARG B 105 10.89 -7.63 -3.99
N VAL B 106 9.95 -8.55 -3.84
CA VAL B 106 8.53 -8.21 -3.86
C VAL B 106 8.04 -8.09 -2.43
N GLU B 107 7.33 -7.00 -2.13
CA GLU B 107 6.79 -6.75 -0.80
C GLU B 107 5.35 -7.23 -0.71
N GLY B 108 5.02 -7.94 0.36
CA GLY B 108 3.63 -8.30 0.62
C GLY B 108 3.00 -9.23 -0.40
N ASN B 109 3.73 -10.26 -0.84
CA ASN B 109 3.16 -11.34 -1.64
C ASN B 109 3.78 -12.64 -1.14
N LEU B 110 2.97 -13.48 -0.49
CA LEU B 110 3.51 -14.73 0.05
C LEU B 110 3.81 -15.76 -1.04
N ARG B 111 3.30 -15.58 -2.25
CA ARG B 111 3.59 -16.49 -3.36
C ARG B 111 4.78 -16.02 -4.20
N ALA B 112 5.55 -15.06 -3.71
CA ALA B 112 6.78 -14.66 -4.40
C ALA B 112 7.79 -15.80 -4.41
N GLU B 113 8.47 -15.97 -5.54
CA GLU B 113 9.55 -16.93 -5.66
C GLU B 113 10.79 -16.22 -6.16
N TYR B 114 11.93 -16.62 -5.62
CA TYR B 114 13.21 -16.02 -5.95
C TYR B 114 14.06 -17.07 -6.65
N LEU B 115 14.65 -16.71 -7.78
CA LEU B 115 15.44 -17.63 -8.59
C LEU B 115 16.89 -17.17 -8.64
N ASP B 116 17.82 -18.09 -8.36
CA ASP B 116 19.21 -17.99 -8.79
C ASP B 116 19.34 -18.84 -10.05
N ASP B 117 19.44 -18.20 -11.21
CA ASP B 117 19.50 -18.96 -12.46
C ASP B 117 20.78 -19.80 -12.51
N ARG B 118 20.63 -21.11 -12.70
CA ARG B 118 21.81 -21.98 -12.66
C ARG B 118 22.69 -21.82 -13.89
N ASN B 119 22.18 -21.25 -14.97
CA ASN B 119 22.99 -21.11 -16.18
C ASN B 119 23.47 -19.70 -16.43
N THR B 120 22.59 -18.70 -16.27
CA THR B 120 22.98 -17.32 -16.49
C THR B 120 23.48 -16.63 -15.23
N PHE B 121 23.28 -17.23 -14.05
CA PHE B 121 23.68 -16.72 -12.74
C PHE B 121 22.87 -15.50 -12.30
N ARG B 122 21.87 -15.07 -13.06
CA ARG B 122 21.15 -13.86 -12.68
C ARG B 122 20.08 -14.15 -11.62
N HIS B 123 19.80 -13.14 -10.81
CA HIS B 123 18.73 -13.19 -9.82
C HIS B 123 17.44 -12.63 -10.40
N SER B 124 16.32 -13.20 -9.98
CA SER B 124 15.02 -12.63 -10.34
C SER B 124 14.01 -12.99 -9.27
N VAL B 125 12.90 -12.25 -9.25
CA VAL B 125 11.77 -12.54 -8.38
C VAL B 125 10.52 -12.57 -9.22
N VAL B 126 9.67 -13.58 -9.00
CA VAL B 126 8.50 -13.81 -9.85
C VAL B 126 7.29 -14.08 -8.95
N VAL B 127 6.13 -13.52 -9.33
CA VAL B 127 4.88 -13.71 -8.61
C VAL B 127 3.80 -14.06 -9.60
N PRO B 128 2.74 -14.72 -9.14
CA PRO B 128 1.56 -14.92 -10.00
C PRO B 128 0.87 -13.60 -10.25
N CYS B 129 0.19 -13.50 -11.39
CA CYS B 129 -0.65 -12.36 -11.75
CA CYS B 129 -0.65 -12.34 -11.54
C CYS B 129 -2.11 -12.76 -11.67
N GLU B 130 -2.97 -11.82 -11.33
CA GLU B 130 -4.40 -12.04 -11.28
C GLU B 130 -5.06 -10.77 -11.80
N PRO B 131 -6.33 -10.86 -12.19
CA PRO B 131 -7.02 -9.69 -12.71
C PRO B 131 -7.28 -8.68 -11.61
N PRO B 132 -7.60 -7.44 -11.95
CA PRO B 132 -7.87 -6.43 -10.92
C PRO B 132 -9.13 -6.74 -10.15
N GLU B 133 -9.13 -6.33 -8.88
CA GLU B 133 -10.33 -6.34 -8.07
C GLU B 133 -11.47 -5.64 -8.81
N VAL B 134 -12.70 -6.12 -8.58
CA VAL B 134 -13.87 -5.47 -9.14
C VAL B 134 -13.82 -3.98 -8.82
N GLY B 135 -14.04 -3.14 -9.83
CA GLY B 135 -13.95 -1.71 -9.68
C GLY B 135 -12.61 -1.10 -9.99
N SER B 136 -11.57 -1.91 -10.26
CA SER B 136 -10.26 -1.39 -10.58
CA SER B 136 -10.23 -1.44 -10.56
C SER B 136 -9.84 -1.87 -11.97
N ASP B 137 -8.92 -1.10 -12.57
CA ASP B 137 -8.52 -1.30 -13.96
C ASP B 137 -7.11 -1.85 -14.14
N CYS B 138 -6.33 -2.00 -13.07
CA CYS B 138 -4.99 -2.56 -13.20
C CYS B 138 -4.64 -3.23 -11.89
N THR B 139 -3.57 -4.01 -11.91
CA THR B 139 -3.03 -4.54 -10.68
C THR B 139 -1.71 -3.84 -10.38
N THR B 140 -1.27 -3.97 -9.14
CA THR B 140 -0.06 -3.31 -8.67
C THR B 140 0.84 -4.31 -7.97
N ILE B 141 2.13 -4.25 -8.27
CA ILE B 141 3.15 -5.01 -7.55
CA ILE B 141 3.13 -5.01 -7.55
C ILE B 141 4.02 -4.03 -6.78
N HIS B 142 4.40 -4.40 -5.58
CA HIS B 142 5.23 -3.53 -4.75
CA HIS B 142 5.22 -3.55 -4.71
C HIS B 142 6.63 -4.11 -4.71
N TYR B 143 7.59 -3.36 -5.24
CA TYR B 143 8.98 -3.78 -5.23
C TYR B 143 9.77 -3.00 -4.17
N ASN B 144 10.84 -3.63 -3.67
CA ASN B 144 11.85 -2.97 -2.84
C ASN B 144 13.21 -3.16 -3.49
N TYR B 145 14.04 -2.13 -3.45
CA TYR B 145 15.43 -2.23 -3.92
C TYR B 145 16.33 -2.12 -2.70
N MET B 146 17.16 -3.15 -2.49
CA MET B 146 17.78 -3.37 -1.19
C MET B 146 19.25 -2.94 -1.14
N CYS B 147 19.70 -2.14 -2.11
CA CYS B 147 21.02 -1.53 -2.10
C CYS B 147 20.91 -0.14 -2.71
N TYR B 148 21.80 0.76 -2.29
CA TYR B 148 21.90 2.03 -2.98
C TYR B 148 22.64 1.85 -4.31
N SER B 149 22.31 2.72 -5.28
CA SER B 149 23.08 2.73 -6.52
C SER B 149 24.56 2.95 -6.26
N SER B 150 24.88 3.64 -5.17
CA SER B 150 26.25 4.02 -4.85
C SER B 150 27.02 2.97 -4.06
N CYS B 151 26.39 1.86 -3.66
CA CYS B 151 27.06 0.94 -2.74
C CYS B 151 28.37 0.40 -3.31
N MET B 152 29.44 0.55 -2.54
CA MET B 152 30.76 0.09 -2.94
C MET B 152 30.81 -1.44 -2.95
N GLY B 153 31.48 -1.99 -3.96
CA GLY B 153 31.47 -3.43 -4.14
C GLY B 153 30.16 -4.01 -4.61
N GLY B 154 29.15 -3.17 -4.82
CA GLY B 154 27.89 -3.57 -5.44
C GLY B 154 27.69 -2.79 -6.72
N MET B 155 26.57 -2.08 -6.86
CA MET B 155 26.34 -1.31 -8.07
C MET B 155 27.41 -0.25 -8.29
N ASN B 156 28.00 0.27 -7.21
CA ASN B 156 29.15 1.16 -7.28
C ASN B 156 28.93 2.29 -8.29
N ARG B 157 27.77 2.93 -8.16
CA ARG B 157 27.36 4.11 -8.94
C ARG B 157 26.99 3.79 -10.39
N ARG B 158 26.95 2.53 -10.77
CA ARG B 158 26.53 2.20 -12.14
C ARG B 158 25.02 2.17 -12.26
N PRO B 159 24.43 2.80 -13.28
CA PRO B 159 22.97 2.71 -13.44
C PRO B 159 22.52 1.31 -13.83
N ILE B 160 21.32 0.95 -13.39
CA ILE B 160 20.71 -0.33 -13.72
C ILE B 160 19.36 -0.09 -14.39
N LEU B 161 18.88 -1.15 -15.05
CA LEU B 161 17.53 -1.23 -15.57
C LEU B 161 16.83 -2.35 -14.85
N THR B 162 15.55 -2.20 -14.57
CA THR B 162 14.73 -3.32 -14.15
C THR B 162 13.97 -3.79 -15.38
N ILE B 163 14.01 -5.10 -15.64
CA ILE B 163 13.25 -5.71 -16.75
C ILE B 163 12.12 -6.51 -16.14
N ILE B 164 10.89 -6.16 -16.51
CA ILE B 164 9.69 -6.86 -16.06
C ILE B 164 9.18 -7.69 -17.23
N THR B 165 9.06 -9.01 -17.03
CA THR B 165 8.55 -9.89 -18.07
CA THR B 165 8.55 -9.89 -18.07
C THR B 165 7.26 -10.55 -17.61
N LEU B 166 6.30 -10.61 -18.54
CA LEU B 166 5.08 -11.40 -18.39
C LEU B 166 5.38 -12.77 -18.99
N GLU B 167 5.17 -13.84 -18.22
CA GLU B 167 5.54 -15.19 -18.62
C GLU B 167 4.35 -16.11 -18.51
N ASP B 168 4.29 -17.13 -19.37
CA ASP B 168 3.29 -18.16 -19.12
C ASP B 168 3.80 -19.10 -18.02
N SER B 169 3.04 -20.16 -17.77
CA SER B 169 3.33 -21.04 -16.63
C SER B 169 4.62 -21.84 -16.82
N SER B 170 5.09 -21.99 -18.05
CA SER B 170 6.37 -22.63 -18.37
C SER B 170 7.55 -21.68 -18.32
N GLY B 171 7.31 -20.38 -18.19
CA GLY B 171 8.35 -19.38 -18.28
C GLY B 171 8.54 -18.75 -19.63
N ASN B 172 7.71 -19.12 -20.62
CA ASN B 172 7.83 -18.55 -21.95
C ASN B 172 7.38 -17.10 -21.97
N LEU B 173 7.99 -16.33 -22.86
CA LEU B 173 7.79 -14.88 -22.90
C LEU B 173 6.41 -14.53 -23.42
N LEU B 174 5.67 -13.71 -22.67
CA LEU B 174 4.44 -13.13 -23.19
C LEU B 174 4.51 -11.61 -23.41
N GLY B 175 5.39 -10.92 -22.70
CA GLY B 175 5.45 -9.48 -22.76
C GLY B 175 6.66 -9.01 -21.97
N ARG B 176 7.11 -7.79 -22.28
CA ARG B 176 8.27 -7.27 -21.59
C ARG B 176 8.23 -5.74 -21.58
N ASP B 177 8.64 -5.16 -20.46
CA ASP B 177 8.76 -3.70 -20.31
C ASP B 177 9.96 -3.47 -19.41
N SER B 178 10.41 -2.23 -19.29
CA SER B 178 11.60 -1.97 -18.49
C SER B 178 11.71 -0.49 -18.15
N PHE B 179 12.54 -0.20 -17.16
CA PHE B 179 12.74 1.15 -16.66
C PHE B 179 14.09 1.20 -15.95
N GLU B 180 14.78 2.32 -16.08
CA GLU B 180 15.99 2.55 -15.29
C GLU B 180 15.62 2.77 -13.83
N VAL B 181 16.56 2.47 -12.93
CA VAL B 181 16.33 2.68 -11.50
C VAL B 181 17.55 3.37 -10.91
N ARG B 182 17.31 4.34 -10.04
CA ARG B 182 18.35 4.88 -9.18
C ARG B 182 17.84 4.76 -7.75
N VAL B 183 18.61 4.08 -6.91
CA VAL B 183 18.30 3.99 -5.48
C VAL B 183 19.22 4.99 -4.79
N CYS B 184 18.62 5.96 -4.09
CA CYS B 184 19.36 7.11 -3.58
C CYS B 184 18.66 7.67 -2.36
N ALA B 185 19.35 8.59 -1.66
CA ALA B 185 18.81 9.16 -0.43
C ALA B 185 17.67 10.15 -0.70
N CYS B 186 17.72 10.88 -1.81
CA CYS B 186 16.77 11.94 -2.08
CA CYS B 186 16.78 11.96 -2.10
C CYS B 186 16.26 11.80 -3.51
N PRO B 187 15.31 10.89 -3.73
CA PRO B 187 14.79 10.70 -5.09
C PRO B 187 14.14 11.94 -5.68
N GLY B 188 13.47 12.76 -4.86
CA GLY B 188 12.85 13.97 -5.37
C GLY B 188 13.85 14.93 -5.98
N ARG B 189 14.89 15.29 -5.21
CA ARG B 189 15.88 16.21 -5.74
C ARG B 189 16.63 15.60 -6.92
N ASP B 190 16.87 14.29 -6.87
CA ASP B 190 17.65 13.65 -7.93
C ASP B 190 16.84 13.57 -9.22
N ARG B 191 15.54 13.27 -9.12
CA ARG B 191 14.71 13.30 -10.32
C ARG B 191 14.68 14.71 -10.92
N ARG B 192 14.56 15.74 -10.08
CA ARG B 192 14.57 17.11 -10.61
C ARG B 192 15.88 17.42 -11.31
N THR B 193 17.01 17.05 -10.68
CA THR B 193 18.31 17.31 -11.28
C THR B 193 18.47 16.62 -12.63
N GLU B 194 18.14 15.34 -12.70
CA GLU B 194 18.36 14.61 -13.95
C GLU B 194 17.37 15.04 -15.03
N GLU B 195 16.18 15.47 -14.64
CA GLU B 195 15.25 16.01 -15.64
C GLU B 195 15.74 17.35 -16.16
N GLU B 196 16.37 18.16 -15.31
CA GLU B 196 16.93 19.41 -15.78
C GLU B 196 18.16 19.16 -16.66
N ASN B 197 18.99 18.18 -16.30
CA ASN B 197 20.12 17.83 -17.15
C ASN B 197 19.66 17.43 -18.54
N LEU B 198 18.59 16.62 -18.61
CA LEU B 198 18.05 16.23 -19.92
C LEU B 198 17.51 17.43 -20.67
N ARG B 199 16.84 18.35 -19.98
CA ARG B 199 16.30 19.53 -20.64
C ARG B 199 17.42 20.38 -21.24
N LYS B 200 18.56 20.46 -20.55
CA LYS B 200 19.71 21.23 -21.04
C LYS B 200 20.50 20.49 -22.12
N LYS B 201 20.04 19.32 -22.58
CA LYS B 201 20.80 18.56 -23.59
C LYS B 201 20.24 18.79 -24.99
#